data_6ANH
#
_entry.id   6ANH
#
_cell.length_a   110.812
_cell.length_b   110.812
_cell.length_c   178.807
_cell.angle_alpha   90.00
_cell.angle_beta   90.00
_cell.angle_gamma   90.00
#
_symmetry.space_group_name_H-M   'I 41 2 2'
#
loop_
_entity.id
_entity.type
_entity.pdbx_description
1 polymer 'Polyphosphate:AMP phosphotransferase'
2 non-polymer "5'-O-[(S)-hydroxy{[(S)-hydroxy{[(R)-hydroxy(phosphonooxy)phosphoryl]oxy}phosphoryl]oxy}phosphoryl]guanosine"
3 water water
#
_entity_poly.entity_id   1
_entity_poly.type   'polypeptide(L)'
_entity_poly.pdbx_seq_one_letter_code
;(MSE)ATDFSKLSKYVETLRVKPKQSIDLKKDFDTDYDHK(MSE)LTKEEGEELLNLGISKLSEIQEKLYASGTKSVLIV
FQA(MSE)DAAGKDGTVKHI(MSE)TGLNPQGVKVTSFKVPSKIELSHDYLWRHYVALPATGEIGIFNRSHYENVLVTRV
HPEYLLSEQTSGVTAIEQVNQKFWDKRFQQINNFEQHISENGTIVLKFFLHVSKKEQKKRFIERIELDTKNWKFSTGDLK
ERAHWKDYRNAYED(MSE)LANTSTKQAPWFVIPADDKWFTRLLIAEIICTELEKLNLTFPTVSLEQKAELEKAKAELVA
EKSSD
;
_entity_poly.pdbx_strand_id   A
#
# COMPACT_ATOMS: atom_id res chain seq x y z
N THR A 3 4.34 26.95 3.51
CA THR A 3 3.08 26.19 3.24
C THR A 3 2.77 25.13 4.30
N ASP A 4 1.56 24.60 4.17
CA ASP A 4 1.00 23.65 5.11
C ASP A 4 0.13 22.68 4.30
N PHE A 5 -0.73 21.91 4.95
CA PHE A 5 -1.54 20.90 4.27
C PHE A 5 -2.93 21.43 3.88
N SER A 6 -3.11 22.75 3.78
CA SER A 6 -4.47 23.32 3.63
C SER A 6 -5.01 23.05 2.24
N LYS A 7 -4.25 23.46 1.22
CA LYS A 7 -4.64 23.24 -0.18
C LYS A 7 -4.75 21.74 -0.49
N LEU A 8 -3.70 20.99 -0.11
CA LEU A 8 -3.64 19.54 -0.39
C LEU A 8 -4.81 18.80 0.15
N SER A 9 -5.14 19.09 1.40
CA SER A 9 -6.14 18.30 2.11
C SER A 9 -7.43 18.07 1.32
N LYS A 10 -7.84 19.05 0.51
CA LYS A 10 -9.05 18.89 -0.30
C LYS A 10 -8.77 18.00 -1.51
N TYR A 11 -7.56 18.12 -2.09
CA TYR A 11 -7.13 17.25 -3.20
C TYR A 11 -7.12 15.78 -2.80
N VAL A 12 -6.60 15.51 -1.61
CA VAL A 12 -6.54 14.14 -1.07
C VAL A 12 -7.91 13.47 -1.09
N GLU A 13 -8.94 14.21 -0.66
CA GLU A 13 -10.30 13.65 -0.61
C GLU A 13 -10.69 13.08 -1.97
N THR A 14 -10.29 13.74 -3.05
CA THR A 14 -10.62 13.24 -4.41
C THR A 14 -9.95 11.90 -4.71
N LEU A 15 -8.76 11.69 -4.13
CA LEU A 15 -7.96 10.48 -4.37
C LEU A 15 -8.64 9.22 -3.80
N ARG A 16 -9.42 9.36 -2.73
CA ARG A 16 -10.15 8.22 -2.19
C ARG A 16 -11.17 7.72 -3.17
N VAL A 17 -11.28 6.41 -3.31
CA VAL A 17 -12.25 5.81 -4.24
C VAL A 17 -13.51 5.50 -3.46
N LYS A 18 -14.63 6.10 -3.85
CA LYS A 18 -15.88 5.91 -3.11
C LYS A 18 -16.48 4.53 -3.48
N PRO A 19 -17.18 3.90 -2.54
CA PRO A 19 -17.68 2.54 -2.83
C PRO A 19 -18.62 2.48 -4.02
N LYS A 20 -18.24 1.67 -5.00
CA LYS A 20 -19.05 1.38 -6.17
C LYS A 20 -19.24 2.59 -7.11
N GLN A 21 -18.42 3.64 -7.00
CA GLN A 21 -18.35 4.69 -8.03
C GLN A 21 -17.56 4.18 -9.22
N SER A 22 -18.03 4.48 -10.42
CA SER A 22 -17.37 4.01 -11.64
C SER A 22 -16.09 4.82 -11.87
N ILE A 23 -15.15 4.17 -12.55
CA ILE A 23 -13.81 4.72 -12.67
C ILE A 23 -13.42 4.79 -14.14
N ASP A 24 -12.88 5.94 -14.54
CA ASP A 24 -12.24 6.09 -15.83
C ASP A 24 -10.85 6.64 -15.55
N LEU A 25 -9.85 5.76 -15.62
CA LEU A 25 -8.51 6.11 -15.21
C LEU A 25 -7.87 7.10 -16.17
N LYS A 26 -8.11 6.91 -17.47
CA LYS A 26 -7.58 7.82 -18.48
C LYS A 26 -8.18 9.23 -18.35
N LYS A 27 -9.50 9.30 -18.12
CA LYS A 27 -10.23 10.56 -18.07
C LYS A 27 -10.08 11.25 -16.70
N ASP A 28 -10.52 10.57 -15.64
CA ASP A 28 -10.76 11.23 -14.36
C ASP A 28 -9.52 11.47 -13.52
N PHE A 29 -8.58 10.52 -13.50
CA PHE A 29 -7.48 10.56 -12.55
C PHE A 29 -6.19 10.92 -13.24
N ASP A 30 -5.58 12.01 -12.80
CA ASP A 30 -4.31 12.42 -13.35
C ASP A 30 -3.17 11.60 -12.78
N THR A 31 -2.06 11.62 -13.53
CA THR A 31 -0.82 10.98 -13.13
C THR A 31 0.29 11.98 -12.74
N ASP A 32 0.09 13.27 -13.05
CA ASP A 32 1.08 14.30 -12.66
C ASP A 32 0.41 15.34 -11.74
N TYR A 33 1.22 15.94 -10.88
CA TYR A 33 0.74 16.97 -9.97
C TYR A 33 0.49 18.28 -10.72
N ASP A 34 -0.59 18.95 -10.33
CA ASP A 34 -0.88 20.31 -10.80
C ASP A 34 0.11 21.27 -10.13
N HIS A 35 0.96 21.92 -10.93
CA HIS A 35 2.00 22.79 -10.38
C HIS A 35 1.45 23.99 -9.58
N LYS A 36 0.19 24.37 -9.82
CA LYS A 36 -0.44 25.49 -9.10
C LYS A 36 -0.63 25.22 -7.60
N LEU A 38 1.48 23.15 -5.22
CA LEU A 38 2.67 23.12 -4.37
C LEU A 38 3.88 23.16 -5.29
N THR A 39 5.03 23.45 -4.69
CA THR A 39 6.31 23.39 -5.37
C THR A 39 7.05 22.15 -4.88
N LYS A 40 8.01 21.71 -5.68
CA LYS A 40 8.85 20.57 -5.31
C LYS A 40 9.55 20.84 -4.00
N GLU A 41 9.92 22.09 -3.75
CA GLU A 41 10.61 22.47 -2.51
C GLU A 41 9.62 22.45 -1.33
N GLU A 42 8.46 23.08 -1.50
CA GLU A 42 7.43 23.07 -0.47
C GLU A 42 7.08 21.61 -0.08
N GLY A 43 6.91 20.75 -1.08
CA GLY A 43 6.55 19.35 -0.86
C GLY A 43 7.60 18.56 -0.10
N GLU A 44 8.85 18.70 -0.51
CA GLU A 44 9.96 18.04 0.19
C GLU A 44 9.98 18.40 1.69
N GLU A 45 9.62 19.64 2.03
CA GLU A 45 9.52 20.03 3.44
C GLU A 45 8.30 19.35 4.11
N LEU A 46 7.12 19.43 3.49
CA LEU A 46 5.94 18.73 4.03
C LEU A 46 6.13 17.22 4.10
N LEU A 47 6.70 16.67 3.05
CA LEU A 47 7.04 15.25 3.04
C LEU A 47 7.85 14.87 4.27
N ASN A 48 8.77 15.75 4.65
CA ASN A 48 9.61 15.51 5.80
C ASN A 48 8.81 15.54 7.11
N LEU A 49 7.86 16.46 7.20
CA LEU A 49 6.95 16.45 8.32
C LEU A 49 6.13 15.19 8.38
N GLY A 50 5.70 14.73 7.22
CA GLY A 50 4.94 13.49 7.12
C GLY A 50 5.70 12.30 7.68
N ILE A 51 6.99 12.20 7.37
CA ILE A 51 7.83 11.09 7.85
C ILE A 51 7.96 11.14 9.36
N SER A 52 8.29 12.31 9.89
CA SER A 52 8.46 12.44 11.37
C SER A 52 7.14 12.19 12.09
N LYS A 53 6.04 12.69 11.52
CA LYS A 53 4.75 12.44 12.14
C LYS A 53 4.37 10.94 12.07
N LEU A 54 4.73 10.28 10.97
CA LEU A 54 4.47 8.86 10.83
C LEU A 54 5.32 8.03 11.81
N SER A 55 6.52 8.48 12.07
CA SER A 55 7.34 7.86 13.11
C SER A 55 6.71 7.93 14.50
N GLU A 56 6.15 9.10 14.83
CA GLU A 56 5.50 9.28 16.14
C GLU A 56 4.32 8.30 16.23
N ILE A 57 3.53 8.23 15.17
CA ILE A 57 2.36 7.36 15.19
C ILE A 57 2.82 5.91 15.37
N GLN A 58 3.80 5.50 14.57
CA GLN A 58 4.29 4.15 14.63
C GLN A 58 4.80 3.82 16.02
N GLU A 59 5.52 4.76 16.61
CA GLU A 59 6.04 4.55 17.96
C GLU A 59 4.90 4.41 18.98
N LYS A 60 3.82 5.16 18.83
CA LYS A 60 2.67 5.04 19.72
C LYS A 60 1.86 3.81 19.42
N LEU A 61 1.75 3.44 18.14
CA LEU A 61 1.04 2.21 17.75
C LEU A 61 1.72 0.99 18.35
N TYR A 62 3.06 0.93 18.27
CA TYR A 62 3.81 -0.18 18.84
C TYR A 62 3.55 -0.34 20.32
N ALA A 63 3.54 0.77 21.06
CA ALA A 63 3.39 0.71 22.50
C ALA A 63 1.97 0.49 22.93
N SER A 64 0.99 0.97 22.17
CA SER A 64 -0.41 0.80 22.54
C SER A 64 -0.84 -0.65 22.41
N GLY A 65 -0.29 -1.36 21.42
CA GLY A 65 -0.64 -2.77 21.21
C GLY A 65 -2.13 -3.04 21.22
N THR A 66 -2.87 -2.33 20.37
CA THR A 66 -4.33 -2.55 20.19
C THR A 66 -4.72 -2.82 18.75
N LYS A 67 -4.11 -2.09 17.81
CA LYS A 67 -4.38 -2.19 16.39
C LYS A 67 -3.10 -2.59 15.65
N SER A 68 -3.28 -3.28 14.53
CA SER A 68 -2.29 -3.45 13.49
C SER A 68 -2.66 -2.59 12.28
N VAL A 69 -1.70 -2.40 11.40
CA VAL A 69 -1.91 -1.64 10.19
C VAL A 69 -1.38 -2.40 8.99
N LEU A 70 -2.24 -2.62 8.00
CA LEU A 70 -1.92 -3.23 6.71
C LEU A 70 -1.96 -2.18 5.62
N ILE A 71 -0.85 -2.02 4.91
CA ILE A 71 -0.73 -1.06 3.86
C ILE A 71 -0.38 -1.76 2.55
N VAL A 72 -1.28 -1.67 1.58
CA VAL A 72 -1.09 -2.31 0.28
C VAL A 72 -0.61 -1.32 -0.76
N PHE A 73 0.38 -1.74 -1.55
CA PHE A 73 0.84 -0.99 -2.73
C PHE A 73 0.67 -1.83 -3.95
N GLN A 74 -0.22 -1.40 -4.85
CA GLN A 74 -0.38 -2.05 -6.18
C GLN A 74 -0.07 -1.09 -7.27
N ALA A 75 0.62 -1.56 -8.30
CA ALA A 75 1.03 -0.69 -9.36
C ALA A 75 1.59 -1.46 -10.53
N ASP A 77 4.60 -1.86 -13.49
CA ASP A 77 6.05 -1.85 -13.41
C ASP A 77 6.53 -0.43 -13.62
N ALA A 78 7.67 -0.10 -13.01
CA ALA A 78 8.25 1.25 -13.06
C ALA A 78 7.35 2.32 -12.49
N ALA A 79 6.39 1.93 -11.66
CA ALA A 79 5.48 2.91 -11.06
C ALA A 79 6.15 3.69 -9.92
N GLY A 80 7.12 3.06 -9.26
CA GLY A 80 7.77 3.64 -8.08
C GLY A 80 7.35 2.99 -6.76
N LYS A 81 6.80 1.76 -6.78
CA LYS A 81 6.52 1.03 -5.56
C LYS A 81 7.73 0.94 -4.61
N ASP A 82 8.79 0.29 -5.05
CA ASP A 82 9.91 -0.01 -4.16
C ASP A 82 10.46 1.28 -3.55
N GLY A 83 10.65 2.30 -4.39
CA GLY A 83 11.16 3.57 -3.92
C GLY A 83 10.27 4.20 -2.87
N THR A 84 8.97 4.16 -3.11
CA THR A 84 7.99 4.63 -2.14
C THR A 84 8.07 3.83 -0.84
N VAL A 85 8.15 2.53 -0.94
CA VAL A 85 8.22 1.74 0.25
C VAL A 85 9.47 2.08 1.04
N LYS A 86 10.56 2.23 0.34
CA LYS A 86 11.82 2.51 0.98
C LYS A 86 11.84 3.83 1.69
N HIS A 87 11.24 4.82 1.09
CA HIS A 87 11.29 6.12 1.67
C HIS A 87 10.42 6.26 2.87
N ILE A 88 9.33 5.53 2.87
CA ILE A 88 8.41 5.58 3.96
C ILE A 88 8.94 4.84 5.14
N THR A 90 12.10 4.70 5.84
CA THR A 90 13.36 5.24 6.27
C THR A 90 13.17 5.90 7.61
N GLY A 91 12.02 6.50 7.84
CA GLY A 91 11.79 7.19 9.07
C GLY A 91 11.19 6.35 10.16
N LEU A 92 10.86 5.11 9.85
CA LEU A 92 10.26 4.27 10.84
C LEU A 92 11.26 3.44 11.58
N ASN A 93 10.82 2.87 12.68
CA ASN A 93 11.66 1.97 13.46
C ASN A 93 11.47 0.55 12.90
N PRO A 94 12.56 -0.16 12.61
CA PRO A 94 12.39 -1.45 11.94
C PRO A 94 11.84 -2.59 12.81
N GLN A 95 11.72 -2.39 14.12
CA GLN A 95 11.06 -3.40 14.96
C GLN A 95 9.52 -3.48 14.84
N GLY A 96 8.86 -2.40 14.44
CA GLY A 96 7.40 -2.46 14.26
C GLY A 96 6.89 -2.44 12.83
N VAL A 97 7.75 -2.75 11.87
CA VAL A 97 7.42 -2.64 10.47
C VAL A 97 8.01 -3.84 9.70
N LYS A 98 7.21 -4.48 8.87
CA LYS A 98 7.64 -5.53 7.98
C LYS A 98 7.15 -5.24 6.53
N VAL A 99 8.04 -5.34 5.55
CA VAL A 99 7.69 -5.38 4.12
C VAL A 99 7.64 -6.83 3.62
N THR A 100 6.62 -7.15 2.85
CA THR A 100 6.52 -8.44 2.18
C THR A 100 6.25 -8.13 0.73
N SER A 101 7.22 -8.41 -0.12
CA SER A 101 7.15 -8.17 -1.53
C SER A 101 6.77 -9.44 -2.20
N PHE A 102 5.48 -9.61 -2.45
CA PHE A 102 4.97 -10.85 -3.05
C PHE A 102 5.37 -10.95 -4.51
N LYS A 103 5.82 -12.14 -4.86
CA LYS A 103 6.38 -12.46 -6.17
C LYS A 103 5.52 -13.58 -6.76
N VAL A 104 5.98 -14.17 -7.84
CA VAL A 104 5.26 -15.26 -8.42
C VAL A 104 5.14 -16.36 -7.36
N PRO A 105 3.94 -16.94 -7.19
CA PRO A 105 3.79 -17.96 -6.16
C PRO A 105 4.76 -19.14 -6.28
N SER A 106 5.14 -19.70 -5.15
CA SER A 106 5.90 -20.93 -5.09
C SER A 106 4.97 -22.13 -5.25
N LYS A 107 5.55 -23.33 -5.39
CA LYS A 107 4.77 -24.55 -5.42
C LYS A 107 3.89 -24.67 -4.21
N ILE A 108 4.47 -24.45 -3.03
CA ILE A 108 3.73 -24.58 -1.77
C ILE A 108 2.60 -23.57 -1.72
N GLU A 109 2.88 -22.36 -2.16
CA GLU A 109 1.86 -21.35 -2.17
C GLU A 109 0.68 -21.69 -3.15
N LEU A 110 0.97 -22.32 -4.27
CA LEU A 110 -0.07 -22.70 -5.22
C LEU A 110 -0.86 -23.92 -4.75
N SER A 111 -0.34 -24.64 -3.77
CA SER A 111 -1.07 -25.72 -3.16
C SER A 111 -2.07 -25.22 -2.12
N HIS A 112 -2.19 -23.91 -1.98
CA HIS A 112 -3.14 -23.30 -1.06
C HIS A 112 -4.02 -22.31 -1.80
N ASP A 113 -5.16 -21.94 -1.22
CA ASP A 113 -5.97 -20.85 -1.80
C ASP A 113 -5.11 -19.60 -1.96
N TYR A 114 -5.46 -18.77 -2.91
CA TYR A 114 -4.68 -17.62 -3.25
C TYR A 114 -4.52 -16.59 -2.16
N LEU A 115 -5.31 -16.68 -1.11
CA LEU A 115 -5.19 -15.73 0.01
C LEU A 115 -4.25 -16.22 1.12
N TRP A 116 -3.96 -17.48 1.12
CA TRP A 116 -3.29 -18.08 2.21
C TRP A 116 -1.94 -17.42 2.50
N ARG A 117 -1.13 -17.22 1.48
CA ARG A 117 0.16 -16.62 1.66
C ARG A 117 0.09 -15.16 2.15
N HIS A 118 -1.05 -14.53 1.95
CA HIS A 118 -1.31 -13.17 2.44
C HIS A 118 -1.81 -13.13 3.87
N TYR A 119 -2.68 -14.06 4.19
CA TYR A 119 -3.14 -14.22 5.56
C TYR A 119 -1.93 -14.54 6.46
N VAL A 120 -1.12 -15.48 6.03
CA VAL A 120 0.07 -15.87 6.79
C VAL A 120 0.97 -14.67 7.10
N ALA A 121 1.09 -13.73 6.17
CA ALA A 121 1.97 -12.57 6.29
C ALA A 121 1.33 -11.36 6.95
N LEU A 122 0.14 -11.49 7.49
CA LEU A 122 -0.53 -10.32 8.10
C LEU A 122 0.26 -9.77 9.28
N PRO A 123 0.13 -8.47 9.57
CA PRO A 123 0.81 -7.90 10.72
C PRO A 123 0.12 -8.15 12.05
N ALA A 124 0.92 -8.22 13.10
CA ALA A 124 0.41 -8.42 14.45
C ALA A 124 0.01 -7.08 15.14
N THR A 125 -0.74 -7.16 16.23
CA THR A 125 -1.03 -6.02 17.05
C THR A 125 0.22 -5.20 17.29
N GLY A 126 0.11 -3.90 17.04
CA GLY A 126 1.21 -2.93 17.23
C GLY A 126 2.15 -2.82 16.07
N GLU A 127 1.94 -3.59 15.00
CA GLU A 127 2.89 -3.64 13.88
C GLU A 127 2.26 -3.05 12.61
N ILE A 128 3.10 -2.52 11.74
CA ILE A 128 2.74 -2.11 10.43
C ILE A 128 3.25 -3.15 9.43
N GLY A 129 2.34 -3.73 8.67
CA GLY A 129 2.68 -4.57 7.52
C GLY A 129 2.49 -3.83 6.22
N ILE A 130 3.49 -3.89 5.38
CA ILE A 130 3.43 -3.28 4.08
C ILE A 130 3.53 -4.36 3.02
N PHE A 131 2.58 -4.37 2.10
CA PHE A 131 2.61 -5.35 1.04
C PHE A 131 3.01 -4.71 -0.27
N ASN A 132 4.21 -5.01 -0.77
CA ASN A 132 4.65 -4.51 -2.05
C ASN A 132 4.16 -5.60 -2.92
N ARG A 133 2.95 -5.39 -3.44
CA ARG A 133 2.07 -6.28 -4.23
C ARG A 133 1.22 -7.09 -3.26
N SER A 134 0.04 -7.51 -3.67
CA SER A 134 -0.85 -8.17 -2.75
C SER A 134 -1.69 -9.25 -3.32
N HIS A 135 -2.81 -9.48 -2.66
CA HIS A 135 -3.73 -10.49 -3.06
C HIS A 135 -4.41 -9.93 -4.25
N TYR A 136 -4.34 -8.63 -4.44
CA TYR A 136 -4.95 -8.05 -5.64
C TYR A 136 -4.25 -8.46 -6.93
N GLU A 137 -3.08 -9.08 -6.86
CA GLU A 137 -2.49 -9.66 -8.05
C GLU A 137 -3.39 -10.71 -8.64
N ASN A 138 -4.16 -11.37 -7.80
CA ASN A 138 -5.07 -12.42 -8.24
C ASN A 138 -6.36 -11.91 -8.95
N VAL A 139 -6.41 -10.63 -9.18
CA VAL A 139 -7.46 -10.05 -9.98
C VAL A 139 -6.85 -9.09 -11.00
N LEU A 140 -5.53 -9.11 -11.18
CA LEU A 140 -4.88 -8.25 -12.13
C LEU A 140 -4.12 -9.06 -13.16
N VAL A 141 -2.89 -9.46 -12.85
CA VAL A 141 -2.10 -10.23 -13.78
C VAL A 141 -2.83 -11.48 -14.18
N THR A 142 -3.49 -12.08 -13.22
CA THR A 142 -4.26 -13.29 -13.48
C THR A 142 -5.47 -12.99 -14.40
N ARG A 143 -6.03 -11.78 -14.34
CA ARG A 143 -7.14 -11.42 -15.21
C ARG A 143 -6.66 -11.08 -16.63
N VAL A 144 -5.54 -10.38 -16.74
CA VAL A 144 -4.91 -10.17 -18.04
C VAL A 144 -4.47 -11.50 -18.68
N HIS A 145 -4.02 -12.47 -17.88
CA HIS A 145 -3.55 -13.76 -18.37
C HIS A 145 -4.35 -14.87 -17.73
N PRO A 146 -5.59 -15.06 -18.17
CA PRO A 146 -6.43 -16.09 -17.53
C PRO A 146 -5.89 -17.49 -17.62
N GLU A 147 -5.00 -17.75 -18.56
CA GLU A 147 -4.47 -19.10 -18.72
C GLU A 147 -3.69 -19.53 -17.47
N TYR A 148 -3.16 -18.57 -16.69
CA TYR A 148 -2.50 -18.94 -15.43
C TYR A 148 -3.44 -19.69 -14.51
N LEU A 149 -4.70 -19.28 -14.47
CA LEU A 149 -5.67 -19.92 -13.60
C LEU A 149 -5.74 -21.42 -13.80
N LEU A 150 -5.59 -21.88 -15.04
CA LEU A 150 -5.58 -23.31 -15.33
C LEU A 150 -4.45 -24.02 -14.61
N SER A 151 -3.37 -23.30 -14.28
CA SER A 151 -2.22 -23.88 -13.55
C SER A 151 -2.20 -23.61 -12.03
N GLU A 152 -3.32 -23.14 -11.49
CA GLU A 152 -3.49 -22.99 -10.05
C GLU A 152 -4.54 -24.03 -9.66
N GLN A 153 -4.09 -25.17 -9.15
CA GLN A 153 -4.99 -26.27 -8.75
C GLN A 153 -6.17 -25.78 -7.92
N THR A 154 -5.95 -24.78 -7.07
CA THR A 154 -6.99 -24.34 -6.18
C THR A 154 -7.96 -23.35 -6.82
N SER A 155 -7.66 -22.84 -8.00
CA SER A 155 -8.56 -21.85 -8.64
C SER A 155 -9.92 -22.43 -9.02
N GLY A 156 -9.96 -23.74 -9.26
CA GLY A 156 -11.20 -24.39 -9.67
C GLY A 156 -11.62 -24.01 -11.10
N VAL A 157 -10.63 -23.60 -11.92
CA VAL A 157 -10.86 -23.19 -13.30
C VAL A 157 -10.22 -24.26 -14.16
N THR A 158 -11.06 -25.11 -14.76
CA THR A 158 -10.61 -26.21 -15.62
C THR A 158 -10.58 -25.83 -17.10
N ALA A 159 -11.51 -24.98 -17.55
CA ALA A 159 -11.52 -24.46 -18.95
C ALA A 159 -11.49 -22.94 -18.96
N ILE A 160 -10.96 -22.33 -20.01
CA ILE A 160 -10.89 -20.86 -20.05
C ILE A 160 -12.27 -20.21 -20.15
N GLU A 161 -13.27 -20.93 -20.66
CA GLU A 161 -14.59 -20.32 -20.87
C GLU A 161 -15.29 -20.00 -19.55
N GLN A 162 -14.91 -20.67 -18.47
CA GLN A 162 -15.55 -20.42 -17.16
C GLN A 162 -14.98 -19.19 -16.47
N VAL A 163 -14.01 -18.53 -17.10
CA VAL A 163 -13.53 -17.25 -16.61
C VAL A 163 -14.38 -16.13 -17.19
N ASN A 164 -15.31 -15.63 -16.41
CA ASN A 164 -16.21 -14.55 -16.84
C ASN A 164 -16.31 -13.52 -15.72
N GLN A 165 -17.10 -12.47 -15.94
CA GLN A 165 -17.27 -11.44 -14.95
C GLN A 165 -17.87 -11.95 -13.63
N LYS A 166 -18.61 -13.05 -13.67
CA LYS A 166 -19.11 -13.64 -12.45
C LYS A 166 -17.97 -14.21 -11.60
N PHE A 167 -16.95 -14.75 -12.25
CA PHE A 167 -15.76 -15.26 -11.54
C PHE A 167 -15.02 -14.15 -10.79
N TRP A 168 -14.82 -13.01 -11.45
CA TRP A 168 -14.17 -11.87 -10.80
C TRP A 168 -15.04 -11.22 -9.72
N ASP A 169 -16.35 -11.19 -9.92
CA ASP A 169 -17.26 -10.73 -8.87
C ASP A 169 -17.07 -11.61 -7.62
N LYS A 170 -16.95 -12.92 -7.81
CA LYS A 170 -16.83 -13.85 -6.72
C LYS A 170 -15.51 -13.62 -5.98
N ARG A 171 -14.46 -13.20 -6.69
CA ARG A 171 -13.17 -12.87 -6.08
C ARG A 171 -13.19 -11.60 -5.32
N PHE A 172 -13.81 -10.58 -5.91
CA PHE A 172 -13.99 -9.34 -5.20
C PHE A 172 -14.67 -9.61 -3.86
N GLN A 173 -15.70 -10.42 -3.88
CA GLN A 173 -16.42 -10.73 -2.67
C GLN A 173 -15.48 -11.40 -1.65
N GLN A 174 -14.82 -12.46 -2.10
CA GLN A 174 -13.82 -13.14 -1.30
C GLN A 174 -12.79 -12.17 -0.65
N ILE A 175 -12.19 -11.34 -1.48
CA ILE A 175 -11.28 -10.31 -1.01
C ILE A 175 -11.94 -9.38 -0.01
N ASN A 176 -13.12 -8.89 -0.36
CA ASN A 176 -13.84 -7.96 0.53
C ASN A 176 -14.20 -8.58 1.87
N ASN A 177 -14.63 -9.85 1.84
CA ASN A 177 -14.87 -10.58 3.07
C ASN A 177 -13.59 -10.72 3.92
N PHE A 178 -12.48 -11.00 3.25
CA PHE A 178 -11.21 -11.10 3.91
C PHE A 178 -10.83 -9.80 4.56
N GLU A 179 -10.92 -8.69 3.81
CA GLU A 179 -10.56 -7.40 4.38
C GLU A 179 -11.53 -6.92 5.47
N GLN A 180 -12.77 -7.41 5.44
CA GLN A 180 -13.74 -7.01 6.40
C GLN A 180 -13.48 -7.72 7.71
N HIS A 181 -13.22 -9.00 7.66
CA HIS A 181 -12.92 -9.76 8.86
C HIS A 181 -11.70 -9.19 9.63
N ILE A 182 -10.64 -8.85 8.94
CA ILE A 182 -9.50 -8.36 9.61
C ILE A 182 -9.71 -6.94 10.08
N SER A 183 -10.50 -6.17 9.35
CA SER A 183 -10.90 -4.81 9.79
C SER A 183 -11.69 -4.88 11.09
N GLU A 184 -12.55 -5.88 11.17
CA GLU A 184 -13.34 -6.14 12.36
C GLU A 184 -12.56 -6.77 13.48
N ASN A 185 -11.29 -7.10 13.26
CA ASN A 185 -10.44 -7.72 14.29
C ASN A 185 -9.08 -7.02 14.41
N GLY A 186 -9.07 -5.69 14.29
CA GLY A 186 -7.90 -4.91 14.74
C GLY A 186 -7.04 -4.34 13.67
N THR A 187 -7.31 -4.69 12.42
CA THR A 187 -6.43 -4.27 11.35
C THR A 187 -7.02 -3.05 10.62
N ILE A 188 -6.26 -1.98 10.60
CA ILE A 188 -6.54 -0.87 9.71
C ILE A 188 -5.92 -1.18 8.31
N VAL A 189 -6.78 -1.41 7.32
CA VAL A 189 -6.36 -1.62 5.95
C VAL A 189 -6.37 -0.32 5.14
N LEU A 190 -5.25 0.01 4.52
CA LEU A 190 -5.14 1.15 3.56
C LEU A 190 -4.48 0.64 2.31
N LYS A 191 -5.10 0.92 1.16
CA LYS A 191 -4.65 0.41 -0.13
C LYS A 191 -4.37 1.55 -1.07
N PHE A 192 -3.19 1.53 -1.70
CA PHE A 192 -2.75 2.59 -2.60
C PHE A 192 -2.47 2.00 -3.95
N PHE A 193 -3.10 2.57 -4.98
CA PHE A 193 -2.80 2.29 -6.38
C PHE A 193 -1.93 3.39 -6.91
N LEU A 194 -0.65 3.07 -7.20
CA LEU A 194 0.27 4.06 -7.74
C LEU A 194 0.05 4.14 -9.25
N HIS A 195 -0.53 5.25 -9.68
CA HIS A 195 -1.08 5.40 -11.03
C HIS A 195 -0.07 6.14 -11.87
N VAL A 196 0.71 5.38 -12.65
CA VAL A 196 1.70 5.96 -13.54
C VAL A 196 1.11 5.87 -14.94
N SER A 197 1.36 6.91 -15.74
CA SER A 197 0.88 6.93 -17.14
C SER A 197 1.82 6.18 -18.07
N LYS A 198 1.25 5.70 -19.17
CA LYS A 198 2.07 5.11 -20.24
C LYS A 198 3.28 6.00 -20.60
N LYS A 199 3.09 7.33 -20.71
CA LYS A 199 4.19 8.23 -21.09
C LYS A 199 5.36 8.10 -20.13
N GLU A 200 5.11 8.31 -18.85
CA GLU A 200 6.18 8.28 -17.86
C GLU A 200 6.78 6.87 -17.72
N GLN A 201 5.95 5.84 -17.86
CA GLN A 201 6.45 4.46 -17.84
C GLN A 201 7.46 4.23 -18.95
N LYS A 202 7.11 4.65 -20.15
CA LYS A 202 8.01 4.56 -21.29
C LYS A 202 9.31 5.33 -21.01
N LYS A 203 9.21 6.52 -20.41
CA LYS A 203 10.41 7.34 -20.06
C LYS A 203 11.29 6.57 -19.07
N ARG A 204 10.69 6.04 -18.01
CA ARG A 204 11.45 5.32 -17.00
C ARG A 204 12.06 4.05 -17.57
N PHE A 205 11.29 3.33 -18.35
CA PHE A 205 11.79 2.11 -19.00
C PHE A 205 13.06 2.40 -19.79
N ILE A 206 13.02 3.46 -20.59
CA ILE A 206 14.18 3.84 -21.39
C ILE A 206 15.36 4.25 -20.51
N GLU A 207 15.13 5.14 -19.54
CA GLU A 207 16.20 5.53 -18.59
C GLU A 207 16.82 4.29 -17.93
N ARG A 208 15.99 3.32 -17.54
CA ARG A 208 16.50 2.07 -17.01
C ARG A 208 17.38 1.32 -18.03
N ILE A 209 16.98 1.36 -19.30
CA ILE A 209 17.68 0.65 -20.35
C ILE A 209 19.00 1.30 -20.74
N GLU A 210 19.16 2.59 -20.49
CA GLU A 210 20.38 3.32 -20.87
C GLU A 210 21.48 3.39 -19.79
N LEU A 211 21.10 3.29 -18.51
CA LEU A 211 22.03 3.48 -17.40
C LEU A 211 22.51 2.14 -16.91
N ASP A 212 23.83 1.93 -16.96
CA ASP A 212 24.43 0.66 -16.61
C ASP A 212 24.14 0.23 -15.19
N THR A 213 23.93 1.19 -14.30
CA THR A 213 23.60 0.89 -12.92
C THR A 213 22.29 0.10 -12.83
N LYS A 214 21.33 0.44 -13.69
CA LYS A 214 20.02 -0.24 -13.75
C LYS A 214 19.90 -1.24 -14.92
N ASN A 215 20.77 -1.17 -15.94
CA ASN A 215 20.72 -2.07 -17.10
C ASN A 215 20.51 -3.52 -16.74
N TRP A 216 21.48 -4.06 -16.01
CA TRP A 216 21.44 -5.46 -15.58
C TRP A 216 20.09 -5.87 -14.97
N LYS A 217 19.41 -4.94 -14.27
CA LYS A 217 18.15 -5.25 -13.55
C LYS A 217 16.96 -5.35 -14.49
N PHE A 218 16.94 -4.55 -15.56
CA PHE A 218 15.78 -4.46 -16.42
C PHE A 218 15.43 -5.78 -17.09
N SER A 219 14.17 -6.21 -16.90
CA SER A 219 13.65 -7.37 -17.61
C SER A 219 12.89 -6.92 -18.85
N THR A 220 13.00 -7.67 -19.92
CA THR A 220 12.26 -7.36 -21.14
C THR A 220 10.82 -7.87 -21.05
N GLY A 221 10.53 -8.78 -20.12
CA GLY A 221 9.15 -9.22 -19.86
C GLY A 221 8.24 -8.09 -19.38
N ASP A 222 8.82 -7.06 -18.76
CA ASP A 222 8.07 -5.87 -18.42
C ASP A 222 7.38 -5.21 -19.62
N LEU A 223 7.97 -5.36 -20.79
CA LEU A 223 7.35 -4.88 -22.02
C LEU A 223 6.14 -5.71 -22.44
N LYS A 224 6.18 -7.03 -22.21
CA LYS A 224 5.06 -7.91 -22.53
C LYS A 224 3.81 -7.42 -21.79
N GLU A 225 3.98 -6.98 -20.56
CA GLU A 225 2.86 -6.49 -19.76
C GLU A 225 2.44 -5.08 -20.17
N ARG A 226 3.37 -4.25 -20.60
CA ARG A 226 3.00 -2.92 -21.12
C ARG A 226 2.09 -3.02 -22.35
N ALA A 227 2.33 -4.03 -23.19
CA ALA A 227 1.50 -4.25 -24.35
C ALA A 227 0.07 -4.61 -23.97
N HIS A 228 -0.16 -5.09 -22.74
CA HIS A 228 -1.52 -5.32 -22.23
C HIS A 228 -2.03 -4.17 -21.39
N TRP A 229 -1.52 -2.97 -21.63
CA TRP A 229 -1.98 -1.79 -20.85
C TRP A 229 -3.50 -1.68 -20.78
N LYS A 230 -4.18 -1.81 -21.92
CA LYS A 230 -5.64 -1.63 -21.94
C LYS A 230 -6.27 -2.71 -21.08
N ASP A 231 -5.81 -3.97 -21.20
CA ASP A 231 -6.37 -5.06 -20.36
C ASP A 231 -6.14 -4.79 -18.86
N TYR A 232 -4.96 -4.27 -18.53
CA TYR A 232 -4.67 -3.88 -17.15
C TYR A 232 -5.57 -2.72 -16.67
N ARG A 233 -5.78 -1.73 -17.54
CA ARG A 233 -6.67 -0.61 -17.18
C ARG A 233 -8.06 -1.13 -16.85
N ASN A 234 -8.55 -2.07 -17.63
CA ASN A 234 -9.85 -2.67 -17.40
C ASN A 234 -9.89 -3.36 -16.02
N ALA A 235 -8.85 -4.13 -15.70
CA ALA A 235 -8.80 -4.87 -14.46
C ALA A 235 -8.69 -3.95 -13.25
N TYR A 236 -7.82 -2.94 -13.35
CA TYR A 236 -7.70 -1.95 -12.25
C TYR A 236 -8.98 -1.24 -11.95
N GLU A 237 -9.58 -0.66 -12.99
CA GLU A 237 -10.88 0.07 -12.86
C GLU A 237 -11.97 -0.82 -12.25
N ASP A 238 -12.05 -2.08 -12.71
CA ASP A 238 -13.07 -2.97 -12.16
C ASP A 238 -12.80 -3.31 -10.68
N LEU A 240 -10.97 -1.49 -8.48
CA LEU A 240 -11.17 -0.29 -7.71
C LEU A 240 -12.65 -0.06 -7.38
N ALA A 241 -13.53 -0.32 -8.35
CA ALA A 241 -14.96 -0.06 -8.17
C ALA A 241 -15.61 -0.99 -7.18
N ASN A 242 -15.12 -2.22 -7.12
CA ASN A 242 -15.77 -3.26 -6.33
C ASN A 242 -15.08 -3.68 -5.04
N THR A 243 -13.92 -3.11 -4.72
CA THR A 243 -13.18 -3.48 -3.46
C THR A 243 -12.74 -2.29 -2.62
N SER A 244 -13.05 -1.08 -3.03
CA SER A 244 -12.93 0.07 -2.16
C SER A 244 -14.17 0.19 -1.29
N THR A 245 -13.96 0.12 0.03
CA THR A 245 -15.00 0.30 1.03
C THR A 245 -14.64 1.36 2.03
N LYS A 246 -15.58 1.75 2.90
CA LYS A 246 -15.24 2.76 3.93
C LYS A 246 -14.26 2.12 4.93
N GLN A 247 -14.42 0.82 5.18
CA GLN A 247 -13.46 0.07 6.02
C GLN A 247 -12.04 -0.04 5.39
N ALA A 248 -12.00 -0.65 4.19
CA ALA A 248 -10.79 -0.84 3.45
C ALA A 248 -10.82 -0.01 2.18
N PRO A 249 -10.54 1.29 2.29
CA PRO A 249 -10.55 2.17 1.11
C PRO A 249 -9.37 2.00 0.17
N TRP A 250 -9.63 2.17 -1.13
CA TRP A 250 -8.57 2.39 -2.12
C TRP A 250 -8.27 3.88 -2.31
N PHE A 251 -7.03 4.19 -2.64
CA PHE A 251 -6.61 5.53 -2.99
C PHE A 251 -5.83 5.48 -4.32
N VAL A 252 -6.25 6.28 -5.30
CA VAL A 252 -5.51 6.41 -6.56
C VAL A 252 -4.53 7.56 -6.45
N ILE A 253 -3.25 7.25 -6.50
CA ILE A 253 -2.20 8.22 -6.27
C ILE A 253 -1.47 8.45 -7.61
N PRO A 254 -1.29 9.72 -8.01
CA PRO A 254 -0.50 9.98 -9.20
C PRO A 254 0.97 9.66 -8.96
N ALA A 255 1.54 8.86 -9.86
CA ALA A 255 2.88 8.31 -9.68
C ALA A 255 3.96 8.88 -10.60
N ASP A 256 3.62 9.82 -11.48
CA ASP A 256 4.62 10.35 -12.42
C ASP A 256 5.64 11.24 -11.76
N ASP A 257 5.27 11.91 -10.67
CA ASP A 257 6.21 12.73 -9.90
C ASP A 257 6.43 12.07 -8.55
N LYS A 258 7.63 11.57 -8.33
CA LYS A 258 7.89 10.64 -7.24
C LYS A 258 7.75 11.32 -5.90
N TRP A 259 8.46 12.45 -5.72
CA TRP A 259 8.35 13.24 -4.49
C TRP A 259 6.86 13.49 -4.14
N PHE A 260 6.03 13.78 -5.15
CA PHE A 260 4.64 14.06 -4.90
C PHE A 260 3.84 12.81 -4.49
N THR A 261 4.11 11.68 -5.15
CA THR A 261 3.56 10.39 -4.76
C THR A 261 3.85 10.09 -3.29
N ARG A 262 5.09 10.31 -2.91
CA ARG A 262 5.53 10.02 -1.57
C ARG A 262 4.88 10.93 -0.57
N LEU A 263 4.65 12.18 -0.95
CA LEU A 263 4.00 13.14 -0.05
C LEU A 263 2.58 12.72 0.22
N LEU A 264 1.84 12.41 -0.83
CA LEU A 264 0.42 12.07 -0.69
C LEU A 264 0.23 10.85 0.19
N ILE A 265 1.03 9.82 -0.06
CA ILE A 265 0.87 8.58 0.66
C ILE A 265 1.15 8.79 2.14
N ALA A 266 2.29 9.43 2.42
CA ALA A 266 2.61 9.79 3.80
C ALA A 266 1.49 10.61 4.46
N GLU A 267 0.94 11.53 3.70
CA GLU A 267 -0.11 12.39 4.20
C GLU A 267 -1.38 11.59 4.51
N ILE A 268 -1.72 10.66 3.65
CA ILE A 268 -2.97 9.92 3.81
C ILE A 268 -2.85 8.91 4.95
N ILE A 269 -1.66 8.31 5.11
CA ILE A 269 -1.45 7.34 6.17
C ILE A 269 -1.60 8.03 7.52
N CYS A 270 -0.90 9.16 7.69
CA CYS A 270 -1.06 9.96 8.92
C CYS A 270 -2.54 10.32 9.18
N THR A 271 -3.22 10.85 8.18
CA THR A 271 -4.61 11.24 8.34
C THR A 271 -5.46 10.08 8.84
N GLU A 272 -5.28 8.91 8.22
CA GLU A 272 -6.15 7.81 8.56
C GLU A 272 -5.81 7.23 9.94
N LEU A 273 -4.52 7.19 10.27
CA LEU A 273 -4.10 6.66 11.57
C LEU A 273 -4.37 7.63 12.70
N GLU A 274 -4.48 8.92 12.38
CA GLU A 274 -4.84 9.94 13.40
C GLU A 274 -6.28 9.79 13.91
N LYS A 275 -7.12 9.10 13.12
CA LYS A 275 -8.45 8.73 13.57
C LYS A 275 -8.46 7.77 14.74
N LEU A 276 -7.36 7.12 15.00
CA LEU A 276 -7.26 6.18 16.14
C LEU A 276 -6.96 6.86 17.45
N ASN A 277 -6.53 8.13 17.39
CA ASN A 277 -6.27 8.93 18.61
C ASN A 277 -5.28 8.26 19.49
N LEU A 278 -4.14 7.91 18.90
CA LEU A 278 -3.13 7.16 19.62
C LEU A 278 -2.34 8.08 20.52
N THR A 279 -2.13 7.62 21.75
CA THR A 279 -1.29 8.33 22.73
C THR A 279 -0.20 7.41 23.27
N PHE A 280 0.90 7.99 23.72
CA PHE A 280 1.87 7.24 24.52
C PHE A 280 1.20 6.83 25.83
N PRO A 281 1.66 5.72 26.41
CA PRO A 281 1.05 5.34 27.70
C PRO A 281 1.41 6.34 28.80
N THR A 282 0.50 6.51 29.76
CA THR A 282 0.73 7.49 30.83
C THR A 282 1.37 6.80 32.04
N VAL A 283 2.26 7.53 32.70
CA VAL A 283 2.91 7.07 33.88
C VAL A 283 2.02 7.43 35.09
N SER A 284 1.48 6.42 35.76
CA SER A 284 0.70 6.62 36.99
C SER A 284 1.56 7.20 38.09
N LEU A 285 0.95 7.54 39.22
CA LEU A 285 1.70 7.98 40.39
C LEU A 285 2.58 6.85 40.91
N GLU A 286 2.00 5.66 41.04
CA GLU A 286 2.70 4.45 41.48
C GLU A 286 3.97 4.23 40.69
N GLN A 287 3.86 4.29 39.35
CA GLN A 287 5.00 4.09 38.47
C GLN A 287 5.98 5.23 38.63
N LYS A 288 5.46 6.45 38.59
CA LYS A 288 6.30 7.61 38.77
C LYS A 288 7.13 7.52 40.06
N ALA A 289 6.53 6.94 41.11
CA ALA A 289 7.24 6.71 42.36
C ALA A 289 8.35 5.67 42.18
N GLU A 290 8.05 4.58 41.47
CA GLU A 290 9.04 3.53 41.16
C GLU A 290 10.20 4.13 40.34
N LEU A 291 9.87 4.89 39.30
CA LEU A 291 10.92 5.55 38.49
C LEU A 291 11.81 6.47 39.34
N GLU A 292 11.21 7.10 40.35
CA GLU A 292 11.96 8.03 41.20
C GLU A 292 12.83 7.33 42.24
N LYS A 293 12.38 6.15 42.70
CA LYS A 293 13.20 5.32 43.56
C LYS A 293 14.44 4.83 42.82
N ALA A 294 14.24 4.42 41.57
CA ALA A 294 15.36 4.00 40.75
C ALA A 294 16.37 5.13 40.52
N LYS A 295 15.89 6.34 40.21
CA LYS A 295 16.81 7.50 40.11
C LYS A 295 17.60 7.65 41.41
N ALA A 296 16.93 7.56 42.55
CA ALA A 296 17.61 7.71 43.84
C ALA A 296 18.69 6.65 44.02
N GLU A 297 18.37 5.40 43.67
CA GLU A 297 19.37 4.33 43.77
C GLU A 297 20.61 4.65 42.92
N LEU A 298 20.38 4.98 41.66
CA LEU A 298 21.48 5.33 40.74
C LEU A 298 22.34 6.46 41.30
N VAL A 299 21.70 7.48 41.84
CA VAL A 299 22.42 8.66 42.34
C VAL A 299 23.24 8.30 43.59
N ALA A 300 22.75 7.36 44.38
CA ALA A 300 23.40 7.01 45.64
C ALA A 300 24.35 5.84 45.50
N GLU A 301 25.11 5.77 44.41
CA GLU A 301 26.03 4.66 44.20
C GLU A 301 27.42 5.04 44.75
N LYS A 302 28.11 4.04 45.32
CA LYS A 302 29.38 4.24 46.04
C LYS A 302 30.38 5.14 45.27
#